data_7RNA
#
_entry.id   7RNA
#
_cell.length_a   50.055
_cell.length_b   66.166
_cell.length_c   83.217
_cell.angle_alpha   90.000
_cell.angle_beta   90.926
_cell.angle_gamma   90.000
#
_symmetry.space_group_name_H-M   'P 1 21 1'
#
loop_
_entity.id
_entity.type
_entity.pdbx_description
1 polymer 'Caspase-3 subunit p17'
2 polymer 'Caspase-3 subunit p12'
3 polymer Ac-ITV(Dab)D-CHO
4 water water
#
loop_
_entity_poly.entity_id
_entity_poly.type
_entity_poly.pdbx_seq_one_letter_code
_entity_poly.pdbx_strand_id
1 'polypeptide(L)'
;DNSYKMDYPEMGLCIIINNKNFHKSTGMTSRSGTDVDAANLRETFRNLKYEVRNKNDLTREEIVELMRDVSKEDHSKRSS
FVCVLLSHGEEGIIFGTNGPVDLKKITNFFRGDRCRSLTGKPKLFIIQACRGTELDCGIET
;
A,C
2 'polypeptide(L)'
;CHKIPVEADFLYAYSTAPGYYSWRNSKDGSWFIQSLCAMLKQYADKLEFMHILTRVNRKVATEFESFSFDATFHAKKQIP
CIVSMLTKELYFYHH
;
B,D
3 'polypeptide(L)' (ACE)ITV(DAB)(ASA) G,F
#
loop_
_chem_comp.id
_chem_comp.type
_chem_comp.name
_chem_comp.formula
ACE non-polymer 'ACETYL GROUP' 'C2 H4 O'
#
# COMPACT_ATOMS: atom_id res chain seq x y z
N ASN A 2 -10.65 -15.93 1.65
CA ASN A 2 -10.56 -16.95 0.63
C ASN A 2 -9.97 -16.30 -0.62
N SER A 3 -10.54 -16.50 -1.81
CA SER A 3 -9.79 -16.09 -2.98
C SER A 3 -10.72 -15.76 -4.13
N TYR A 4 -10.23 -14.86 -4.98
CA TYR A 4 -11.02 -14.42 -6.12
C TYR A 4 -11.23 -15.58 -7.08
N LYS A 5 -12.45 -15.68 -7.59
CA LYS A 5 -12.82 -16.61 -8.66
C LYS A 5 -12.11 -16.18 -9.94
N MET A 6 -11.16 -17.00 -10.40
CA MET A 6 -10.35 -16.73 -11.59
C MET A 6 -10.68 -17.68 -12.74
N ASP A 7 -11.81 -18.37 -12.67
CA ASP A 7 -12.18 -19.35 -13.68
C ASP A 7 -13.39 -18.91 -14.49
N TYR A 8 -13.62 -17.59 -14.58
CA TYR A 8 -14.53 -17.05 -15.59
C TYR A 8 -14.03 -17.45 -16.97
N PRO A 9 -14.85 -17.31 -18.02
CA PRO A 9 -14.36 -17.64 -19.36
C PRO A 9 -13.04 -16.98 -19.76
N GLU A 10 -12.81 -15.73 -19.35
CA GLU A 10 -11.64 -14.95 -19.75
C GLU A 10 -10.93 -14.43 -18.50
N MET A 11 -9.59 -14.43 -18.53
CA MET A 11 -8.81 -13.83 -17.44
C MET A 11 -9.14 -12.35 -17.30
N GLY A 12 -9.30 -11.66 -18.43
CA GLY A 12 -9.64 -10.25 -18.45
C GLY A 12 -8.68 -9.47 -19.32
N LEU A 13 -8.88 -8.15 -19.32
CA LEU A 13 -8.05 -7.26 -20.11
C LEU A 13 -6.78 -6.90 -19.35
N CYS A 14 -5.70 -6.69 -20.12
CA CYS A 14 -4.49 -6.07 -19.61
C CYS A 14 -4.15 -4.92 -20.55
N ILE A 15 -4.43 -3.70 -20.10
CA ILE A 15 -4.15 -2.49 -20.86
C ILE A 15 -2.75 -2.01 -20.50
N ILE A 16 -1.91 -1.80 -21.51
CA ILE A 16 -0.55 -1.31 -21.30
C ILE A 16 -0.45 0.05 -21.98
N ILE A 17 -0.32 1.10 -21.20
CA ILE A 17 -0.10 2.44 -21.75
C ILE A 17 1.37 2.78 -21.64
N ASN A 18 2.02 2.85 -22.79
CA ASN A 18 3.48 2.96 -22.89
C ASN A 18 3.77 4.33 -23.48
N ASN A 19 4.10 5.32 -22.64
CA ASN A 19 4.42 6.66 -23.10
C ASN A 19 5.94 6.81 -23.16
N LYS A 20 6.47 6.93 -24.37
CA LYS A 20 7.89 7.06 -24.62
C LYS A 20 8.29 8.47 -25.02
N ASN A 21 7.53 9.09 -25.93
CA ASN A 21 7.85 10.38 -26.53
C ASN A 21 6.89 11.45 -26.04
N PHE A 22 7.42 12.52 -25.46
CA PHE A 22 6.63 13.60 -24.91
C PHE A 22 6.87 14.88 -25.68
N HIS A 23 5.84 15.71 -25.82
CA HIS A 23 6.03 17.01 -26.46
C HIS A 23 7.02 17.82 -25.65
N LYS A 24 8.02 18.45 -26.31
CA LYS A 24 8.94 19.06 -25.35
C LYS A 24 8.44 20.33 -24.68
N SER A 25 7.21 20.79 -24.91
CA SER A 25 6.65 21.81 -24.02
C SER A 25 6.32 21.27 -22.62
N THR A 26 6.31 19.95 -22.42
CA THR A 26 6.21 19.44 -21.06
C THR A 26 7.52 19.53 -20.29
N GLY A 27 8.64 19.66 -20.98
CA GLY A 27 9.92 19.59 -20.33
C GLY A 27 10.42 18.21 -20.02
N MET A 28 9.70 17.15 -20.41
CA MET A 28 10.09 15.79 -20.08
C MET A 28 10.89 15.19 -21.22
N THR A 29 11.80 14.28 -20.87
CA THR A 29 12.65 13.64 -21.86
C THR A 29 12.06 12.31 -22.30
N SER A 30 12.54 11.82 -23.45
CA SER A 30 12.09 10.54 -23.96
C SER A 30 12.52 9.42 -23.01
N ARG A 31 11.69 8.36 -22.92
CA ARG A 31 11.91 7.31 -21.93
C ARG A 31 12.49 6.07 -22.63
N SER A 32 13.79 6.14 -22.93
CA SER A 32 14.44 5.01 -23.60
C SER A 32 14.40 3.78 -22.73
N GLY A 33 14.14 2.63 -23.35
CA GLY A 33 13.99 1.38 -22.62
C GLY A 33 12.55 0.97 -22.36
N THR A 34 11.61 1.92 -22.39
CA THR A 34 10.22 1.59 -22.07
C THR A 34 9.62 0.59 -23.05
N ASP A 35 10.09 0.59 -24.31
CA ASP A 35 9.60 -0.37 -25.30
C ASP A 35 9.93 -1.79 -24.89
N VAL A 36 11.11 -1.99 -24.30
CA VAL A 36 11.48 -3.29 -23.75
C VAL A 36 10.51 -3.69 -22.63
N ASP A 37 10.12 -2.72 -21.80
CA ASP A 37 9.13 -3.00 -20.74
C ASP A 37 7.80 -3.44 -21.32
N ALA A 38 7.26 -2.66 -22.26
CA ALA A 38 5.95 -2.97 -22.83
C ALA A 38 5.95 -4.34 -23.48
N ALA A 39 7.02 -4.68 -24.20
CA ALA A 39 7.08 -5.99 -24.86
C ALA A 39 7.16 -7.12 -23.85
N ASN A 40 7.98 -6.95 -22.80
CA ASN A 40 8.07 -7.92 -21.72
C ASN A 40 6.72 -8.11 -21.05
N LEU A 41 6.02 -7.01 -20.78
CA LEU A 41 4.69 -7.09 -20.18
C LEU A 41 3.71 -7.79 -21.12
N ARG A 42 3.76 -7.47 -22.42
CA ARG A 42 2.87 -8.13 -23.36
C ARG A 42 3.02 -9.64 -23.29
N GLU A 43 4.27 -10.13 -23.30
CA GLU A 43 4.52 -11.56 -23.27
C GLU A 43 4.10 -12.17 -21.96
N THR A 44 4.42 -11.49 -20.85
CA THR A 44 4.12 -12.03 -19.54
C THR A 44 2.62 -12.24 -19.37
N PHE A 45 1.83 -11.21 -19.71
CA PHE A 45 0.40 -11.33 -19.50
C PHE A 45 -0.28 -12.17 -20.57
N ARG A 46 0.33 -12.30 -21.75
CA ARG A 46 -0.13 -13.30 -22.71
C ARG A 46 0.00 -14.71 -22.16
N ASN A 47 1.10 -15.00 -21.43
CA ASN A 47 1.21 -16.32 -20.84
C ASN A 47 0.20 -16.53 -19.72
N LEU A 48 -0.26 -15.46 -19.09
CA LEU A 48 -1.28 -15.56 -18.07
C LEU A 48 -2.69 -15.59 -18.64
N LYS A 49 -2.83 -15.55 -19.97
CA LYS A 49 -4.09 -15.65 -20.70
C LYS A 49 -4.91 -14.36 -20.62
N TYR A 50 -4.25 -13.22 -20.49
CA TYR A 50 -4.91 -11.92 -20.59
C TYR A 50 -4.97 -11.50 -22.05
N GLU A 51 -6.06 -10.83 -22.41
CA GLU A 51 -6.13 -10.15 -23.70
C GLU A 51 -5.41 -8.83 -23.51
N VAL A 52 -4.18 -8.74 -24.01
CA VAL A 52 -3.33 -7.57 -23.83
C VAL A 52 -3.63 -6.54 -24.92
N ARG A 53 -3.89 -5.29 -24.52
CA ARG A 53 -4.02 -4.18 -25.46
C ARG A 53 -2.88 -3.19 -25.21
N ASN A 54 -1.95 -3.09 -26.16
CA ASN A 54 -0.84 -2.14 -26.05
C ASN A 54 -1.22 -0.80 -26.68
N LYS A 55 -1.05 0.27 -25.92
CA LYS A 55 -1.31 1.64 -26.37
C LYS A 55 -0.01 2.42 -26.25
N ASN A 56 0.36 3.18 -27.29
CA ASN A 56 1.62 3.92 -27.28
C ASN A 56 1.40 5.44 -27.38
N ASP A 57 2.25 6.19 -26.66
CA ASP A 57 2.28 7.65 -26.66
C ASP A 57 0.89 8.29 -26.68
N LEU A 58 0.13 8.17 -25.59
CA LEU A 58 -1.20 8.77 -25.50
C LEU A 58 -1.13 10.11 -24.79
N THR A 59 -1.89 11.07 -25.31
CA THR A 59 -2.13 12.31 -24.61
C THR A 59 -2.96 12.04 -23.36
N ARG A 60 -3.01 13.03 -22.46
CA ARG A 60 -3.81 12.83 -21.26
C ARG A 60 -5.29 12.72 -21.59
N GLU A 61 -5.74 13.43 -22.63
CA GLU A 61 -7.11 13.25 -23.08
C GLU A 61 -7.34 11.85 -23.61
N GLU A 62 -6.36 11.32 -24.36
CA GLU A 62 -6.53 9.95 -24.85
C GLU A 62 -6.48 8.95 -23.71
N ILE A 63 -5.72 9.21 -22.66
CA ILE A 63 -5.72 8.31 -21.51
C ILE A 63 -7.10 8.31 -20.85
N VAL A 64 -7.62 9.50 -20.55
CA VAL A 64 -8.92 9.60 -19.89
C VAL A 64 -10.00 8.95 -20.73
N GLU A 65 -9.99 9.19 -22.04
CA GLU A 65 -11.02 8.64 -22.92
C GLU A 65 -10.89 7.12 -23.05
N LEU A 66 -9.66 6.60 -23.13
CA LEU A 66 -9.46 5.15 -23.19
C LEU A 66 -9.96 4.46 -21.93
N MET A 67 -9.65 5.03 -20.77
CA MET A 67 -10.05 4.40 -19.52
C MET A 67 -11.55 4.46 -19.33
N ARG A 68 -12.18 5.56 -19.76
CA ARG A 68 -13.64 5.66 -19.71
C ARG A 68 -14.28 4.58 -20.57
N ASP A 69 -13.82 4.45 -21.83
CA ASP A 69 -14.37 3.46 -22.76
C ASP A 69 -14.19 2.03 -22.25
N VAL A 70 -13.00 1.72 -21.72
CA VAL A 70 -12.75 0.38 -21.20
C VAL A 70 -13.64 0.11 -20.00
N SER A 71 -13.84 1.11 -19.14
CA SER A 71 -14.71 0.90 -17.98
C SER A 71 -16.15 0.68 -18.38
N LYS A 72 -16.54 1.06 -19.59
CA LYS A 72 -17.90 0.90 -20.05
C LYS A 72 -18.09 -0.39 -20.83
N GLU A 73 -17.03 -1.14 -21.06
CA GLU A 73 -17.19 -2.45 -21.66
C GLU A 73 -17.87 -3.40 -20.66
N ASP A 74 -18.39 -4.48 -21.20
CA ASP A 74 -19.03 -5.54 -20.42
C ASP A 74 -17.97 -6.54 -19.98
N HIS A 75 -17.54 -6.45 -18.72
CA HIS A 75 -16.55 -7.37 -18.16
C HIS A 75 -17.18 -8.58 -17.47
N SER A 76 -18.46 -8.85 -17.74
CA SER A 76 -19.19 -9.90 -17.02
C SER A 76 -18.48 -11.25 -17.09
N LYS A 77 -17.89 -11.59 -18.24
CA LYS A 77 -17.24 -12.88 -18.40
C LYS A 77 -15.74 -12.83 -18.12
N ARG A 78 -15.24 -11.77 -17.50
CA ARG A 78 -13.81 -11.62 -17.26
C ARG A 78 -13.53 -11.73 -15.76
N SER A 79 -12.45 -12.40 -15.39
CA SER A 79 -12.14 -12.61 -13.97
C SER A 79 -11.62 -11.35 -13.30
N SER A 80 -10.88 -10.52 -14.03
CA SER A 80 -10.17 -9.40 -13.42
C SER A 80 -9.93 -8.33 -14.48
N PHE A 81 -9.22 -7.29 -14.08
CA PHE A 81 -8.80 -6.21 -14.96
C PHE A 81 -7.40 -5.79 -14.55
N VAL A 82 -6.51 -5.60 -15.54
CA VAL A 82 -5.14 -5.16 -15.27
C VAL A 82 -4.85 -3.95 -16.16
N CYS A 83 -4.22 -2.93 -15.58
CA CYS A 83 -3.81 -1.73 -16.29
C CYS A 83 -2.39 -1.38 -15.91
N VAL A 84 -1.50 -1.26 -16.89
CA VAL A 84 -0.09 -0.94 -16.64
C VAL A 84 0.16 0.44 -17.22
N LEU A 85 0.68 1.36 -16.40
CA LEU A 85 1.03 2.70 -16.85
C LEU A 85 2.54 2.85 -16.82
N LEU A 86 3.12 3.18 -17.97
CA LEU A 86 4.56 3.39 -18.11
C LEU A 86 4.75 4.83 -18.56
N SER A 87 5.24 5.69 -17.69
CA SER A 87 5.36 7.09 -18.10
C SER A 87 6.15 7.85 -17.06
N HIS A 88 6.29 9.14 -17.29
CA HIS A 88 6.77 10.01 -16.24
C HIS A 88 5.63 10.25 -15.25
N GLY A 89 5.99 10.66 -14.04
CA GLY A 89 4.91 10.99 -13.11
C GLY A 89 5.43 11.79 -11.94
N GLU A 90 4.49 12.18 -11.08
CA GLU A 90 4.74 12.74 -9.76
C GLU A 90 3.79 12.06 -8.79
N GLU A 91 3.88 12.40 -7.51
CA GLU A 91 2.97 11.80 -6.53
C GLU A 91 1.53 12.05 -6.97
N GLY A 92 0.77 10.95 -7.15
CA GLY A 92 -0.62 11.01 -7.55
C GLY A 92 -0.89 11.27 -9.02
N ILE A 93 0.16 11.35 -9.84
CA ILE A 93 0.07 11.90 -11.18
C ILE A 93 0.84 11.04 -12.18
N ILE A 94 0.24 10.83 -13.36
CA ILE A 94 0.85 10.19 -14.51
C ILE A 94 0.79 11.16 -15.67
N PHE A 95 1.84 11.16 -16.51
CA PHE A 95 1.90 12.08 -17.65
C PHE A 95 1.40 11.39 -18.92
N GLY A 96 0.41 12.03 -19.57
CA GLY A 96 0.25 11.83 -21.00
C GLY A 96 1.39 12.54 -21.74
N THR A 97 1.42 12.33 -23.06
CA THR A 97 2.48 12.92 -23.87
C THR A 97 2.46 14.45 -23.85
N ASN A 98 1.33 15.05 -23.45
CA ASN A 98 1.12 16.50 -23.48
C ASN A 98 0.81 17.07 -22.09
N GLY A 99 1.15 16.35 -21.01
CA GLY A 99 0.93 16.87 -19.67
C GLY A 99 0.32 15.88 -18.70
N PRO A 100 0.17 16.30 -17.45
CA PRO A 100 -0.16 15.36 -16.38
C PRO A 100 -1.66 15.08 -16.26
N VAL A 101 -1.97 13.95 -15.63
CA VAL A 101 -3.35 13.63 -15.26
C VAL A 101 -3.31 12.88 -13.92
N ASP A 102 -4.26 13.20 -13.04
CA ASP A 102 -4.31 12.55 -11.72
C ASP A 102 -4.64 11.07 -11.86
N LEU A 103 -3.93 10.24 -11.09
CA LEU A 103 -4.20 8.81 -11.14
C LEU A 103 -5.62 8.50 -10.66
N LYS A 104 -6.10 9.25 -9.67
CA LYS A 104 -7.44 9.01 -9.12
C LYS A 104 -8.52 9.19 -10.18
N LYS A 105 -8.30 10.06 -11.16
CA LYS A 105 -9.30 10.22 -12.21
C LYS A 105 -9.36 8.97 -13.09
N ILE A 106 -8.21 8.36 -13.38
CA ILE A 106 -8.17 7.10 -14.13
C ILE A 106 -8.85 5.98 -13.34
N THR A 107 -8.45 5.79 -12.09
CA THR A 107 -8.94 4.65 -11.34
C THR A 107 -10.40 4.82 -10.93
N ASN A 108 -10.91 6.05 -10.83
CA ASN A 108 -12.29 6.25 -10.39
C ASN A 108 -13.29 5.67 -11.38
N PHE A 109 -12.90 5.56 -12.65
CA PHE A 109 -13.75 4.93 -13.64
C PHE A 109 -14.08 3.49 -13.29
N PHE A 110 -13.21 2.82 -12.53
CA PHE A 110 -13.40 1.41 -12.24
C PHE A 110 -13.93 1.17 -10.83
N ARG A 111 -14.38 2.22 -10.16
CA ARG A 111 -14.92 2.07 -8.81
C ARG A 111 -16.08 1.08 -8.80
N GLY A 112 -16.31 0.49 -7.62
CA GLY A 112 -17.31 -0.56 -7.51
C GLY A 112 -18.71 -0.12 -7.91
N ASP A 113 -19.04 1.17 -7.69
CA ASP A 113 -20.33 1.69 -8.11
C ASP A 113 -20.37 2.19 -9.56
N ARG A 114 -19.22 2.41 -10.19
CA ARG A 114 -19.18 2.95 -11.55
C ARG A 114 -18.98 1.90 -12.63
N CYS A 115 -18.24 0.82 -12.36
CA CYS A 115 -18.01 -0.24 -13.33
C CYS A 115 -18.61 -1.51 -12.75
N ARG A 116 -19.92 -1.69 -12.95
CA ARG A 116 -20.64 -2.73 -12.24
C ARG A 116 -20.20 -4.12 -12.67
N SER A 117 -19.72 -4.28 -13.89
CA SER A 117 -19.32 -5.62 -14.31
C SER A 117 -17.94 -6.01 -13.78
N LEU A 118 -17.26 -5.13 -13.06
CA LEU A 118 -16.05 -5.50 -12.33
C LEU A 118 -16.25 -5.46 -10.82
N THR A 119 -17.48 -5.24 -10.36
CA THR A 119 -17.75 -5.24 -8.92
C THR A 119 -17.38 -6.59 -8.32
N GLY A 120 -16.64 -6.56 -7.21
CA GLY A 120 -16.21 -7.78 -6.56
C GLY A 120 -15.06 -8.49 -7.23
N LYS A 121 -14.48 -7.89 -8.29
CA LYS A 121 -13.40 -8.54 -9.03
C LYS A 121 -12.12 -7.73 -8.87
N PRO A 122 -10.96 -8.39 -8.88
CA PRO A 122 -9.71 -7.66 -8.62
C PRO A 122 -9.34 -6.75 -9.77
N LYS A 123 -8.98 -5.51 -9.43
CA LYS A 123 -8.64 -4.44 -10.36
C LYS A 123 -7.22 -4.01 -10.01
N LEU A 124 -6.26 -4.36 -10.88
CA LEU A 124 -4.83 -4.24 -10.60
C LEU A 124 -4.25 -3.12 -11.44
N PHE A 125 -3.61 -2.15 -10.80
CA PHE A 125 -2.95 -1.04 -11.49
C PHE A 125 -1.46 -1.09 -11.17
N ILE A 126 -0.66 -1.26 -12.21
CA ILE A 126 0.78 -1.39 -12.08
C ILE A 126 1.38 -0.11 -12.65
N ILE A 127 2.09 0.64 -11.82
CA ILE A 127 2.46 2.03 -12.14
C ILE A 127 3.98 2.18 -12.11
N GLN A 128 4.59 2.27 -13.28
CA GLN A 128 6.01 2.57 -13.42
C GLN A 128 6.08 4.06 -13.75
N ALA A 129 6.40 4.86 -12.74
CA ALA A 129 6.48 6.32 -12.83
C ALA A 129 7.08 6.85 -11.55
N CYS A 130 7.83 7.96 -11.68
CA CYS A 130 8.31 8.60 -10.47
C CYS A 130 7.12 9.09 -9.65
N ARG A 131 7.37 9.25 -8.34
CA ARG A 131 6.37 9.74 -7.40
C ARG A 131 6.88 10.95 -6.64
N GLY A 132 7.82 11.68 -7.21
CA GLY A 132 8.50 12.76 -6.55
C GLY A 132 9.97 12.75 -6.93
N THR A 133 10.75 13.57 -6.23
CA THR A 133 12.17 13.70 -6.53
C THR A 133 13.06 13.28 -5.37
N GLU A 134 12.56 12.61 -4.35
CA GLU A 134 13.45 12.18 -3.29
C GLU A 134 14.33 11.02 -3.78
N LEU A 135 15.53 10.95 -3.21
CA LEU A 135 16.54 9.96 -3.57
C LEU A 135 16.80 9.04 -2.39
N ASP A 136 16.83 7.74 -2.65
CA ASP A 136 17.16 6.75 -1.64
C ASP A 136 18.63 6.40 -1.83
N CYS A 137 19.49 6.86 -0.92
CA CYS A 137 20.90 6.53 -0.98
C CYS A 137 21.20 5.14 -0.44
N GLY A 138 20.24 4.45 0.17
CA GLY A 138 20.46 3.10 0.64
C GLY A 138 21.31 3.06 1.91
N ILE A 139 21.51 1.83 2.40
CA ILE A 139 22.33 1.61 3.58
C ILE A 139 23.01 0.26 3.41
N GLU A 140 24.32 0.21 3.66
CA GLU A 140 25.04 -1.06 3.57
C GLU A 140 24.71 -1.93 4.78
N THR A 141 24.73 -3.23 4.57
CA THR A 141 24.60 -4.20 5.66
C THR A 141 25.95 -4.90 5.89
N LYS B 3 -23.52 -4.87 1.23
CA LYS B 3 -22.78 -4.17 0.20
C LYS B 3 -21.29 -4.09 0.52
N ILE B 4 -20.50 -3.55 -0.42
CA ILE B 4 -19.05 -3.45 -0.24
C ILE B 4 -18.63 -2.01 -0.52
N PRO B 5 -17.49 -1.58 0.04
CA PRO B 5 -17.00 -0.23 -0.27
C PRO B 5 -16.75 -0.10 -1.76
N VAL B 6 -16.93 1.11 -2.30
CA VAL B 6 -16.66 1.29 -3.72
C VAL B 6 -15.16 1.29 -4.01
N GLU B 7 -14.32 1.50 -3.00
CA GLU B 7 -12.87 1.49 -3.19
C GLU B 7 -12.23 0.12 -2.95
N ALA B 8 -13.03 -0.90 -2.63
CA ALA B 8 -12.51 -2.23 -2.38
C ALA B 8 -12.13 -2.94 -3.68
N ASP B 9 -11.22 -3.91 -3.56
CA ASP B 9 -10.81 -4.82 -4.63
C ASP B 9 -9.93 -4.13 -5.67
N PHE B 10 -9.22 -3.08 -5.24
CA PHE B 10 -8.15 -2.45 -6.00
C PHE B 10 -6.81 -2.86 -5.41
N LEU B 11 -5.83 -3.05 -6.29
CA LEU B 11 -4.44 -3.24 -5.92
C LEU B 11 -3.63 -2.27 -6.76
N TYR B 12 -2.79 -1.45 -6.12
CA TYR B 12 -1.92 -0.52 -6.84
C TYR B 12 -0.49 -0.96 -6.59
N ALA B 13 0.15 -1.48 -7.62
CA ALA B 13 1.54 -1.95 -7.54
C ALA B 13 2.42 -0.83 -8.05
N TYR B 14 2.93 -0.01 -7.15
CA TYR B 14 3.79 1.12 -7.50
C TYR B 14 5.24 0.68 -7.60
N SER B 15 5.96 1.24 -8.58
CA SER B 15 7.37 0.94 -8.77
C SER B 15 8.25 1.47 -7.64
N THR B 16 7.77 2.43 -6.85
CA THR B 16 8.63 3.13 -5.92
C THR B 16 7.82 3.68 -4.76
N ALA B 17 8.53 4.01 -3.68
CA ALA B 17 7.90 4.51 -2.47
C ALA B 17 7.33 5.91 -2.70
N PRO B 18 6.31 6.30 -1.93
CA PRO B 18 5.72 7.64 -2.11
C PRO B 18 6.79 8.73 -2.00
N GLY B 19 6.81 9.63 -2.98
CA GLY B 19 7.70 10.76 -2.96
C GLY B 19 9.00 10.55 -3.71
N TYR B 20 9.29 9.32 -4.14
CA TYR B 20 10.61 8.99 -4.63
C TYR B 20 10.65 8.86 -6.15
N TYR B 21 11.85 9.07 -6.66
CA TYR B 21 12.17 8.72 -8.04
C TYR B 21 11.96 7.22 -8.27
N SER B 22 11.65 6.86 -9.51
CA SER B 22 11.69 5.48 -9.99
C SER B 22 12.74 5.37 -11.09
N TRP B 23 13.51 4.29 -11.08
CA TRP B 23 14.70 4.18 -11.94
C TRP B 23 14.44 3.23 -13.10
N ARG B 24 15.07 3.57 -14.23
CA ARG B 24 14.87 2.84 -15.48
C ARG B 24 16.21 2.70 -16.17
N ASN B 25 16.53 1.48 -16.62
CA ASN B 25 17.75 1.31 -17.39
C ASN B 25 17.46 1.65 -18.85
N SER B 26 18.29 2.53 -19.42
CA SER B 26 17.97 3.09 -20.74
C SER B 26 17.98 2.03 -21.84
N LYS B 27 18.60 0.88 -21.61
CA LYS B 27 18.59 -0.23 -22.56
C LYS B 27 17.68 -1.37 -22.14
N ASP B 28 17.68 -1.73 -20.86
CA ASP B 28 17.04 -2.95 -20.38
C ASP B 28 15.63 -2.73 -19.81
N GLY B 29 15.22 -1.48 -19.62
CA GLY B 29 13.89 -1.19 -19.09
C GLY B 29 13.93 -0.84 -17.60
N SER B 30 12.74 -0.52 -17.08
CA SER B 30 12.65 -0.10 -15.70
C SER B 30 12.92 -1.29 -14.78
N TRP B 31 13.60 -1.01 -13.66
CA TRP B 31 13.92 -2.06 -12.71
C TRP B 31 12.69 -2.85 -12.29
N PHE B 32 11.62 -2.11 -12.01
CA PHE B 32 10.41 -2.70 -11.45
C PHE B 32 9.73 -3.62 -12.44
N ILE B 33 9.55 -3.16 -13.69
CA ILE B 33 8.86 -3.98 -14.68
C ILE B 33 9.69 -5.20 -15.06
N GLN B 34 11.03 -5.05 -15.21
CA GLN B 34 11.91 -6.19 -15.40
C GLN B 34 11.68 -7.25 -14.32
N SER B 35 11.74 -6.80 -13.06
CA SER B 35 11.58 -7.71 -11.92
C SER B 35 10.17 -8.29 -11.86
N LEU B 36 9.15 -7.46 -12.06
CA LEU B 36 7.78 -7.95 -12.06
C LEU B 36 7.58 -9.06 -13.09
N CYS B 37 8.03 -8.85 -14.34
CA CYS B 37 7.84 -9.88 -15.35
C CYS B 37 8.60 -11.16 -14.98
N ALA B 38 9.80 -11.02 -14.43
CA ALA B 38 10.60 -12.19 -14.07
C ALA B 38 9.92 -13.00 -12.97
N MET B 39 9.40 -12.32 -11.94
CA MET B 39 8.74 -13.03 -10.83
C MET B 39 7.42 -13.66 -11.26
N LEU B 40 6.66 -12.98 -12.12
CA LEU B 40 5.43 -13.61 -12.62
C LEU B 40 5.74 -14.85 -13.44
N LYS B 41 6.76 -14.77 -14.30
CA LYS B 41 7.14 -15.94 -15.10
C LYS B 41 7.57 -17.10 -14.21
N GLN B 42 8.34 -16.81 -13.15
CA GLN B 42 8.82 -17.86 -12.26
C GLN B 42 7.73 -18.38 -11.33
N TYR B 43 6.88 -17.49 -10.79
CA TYR B 43 6.01 -17.85 -9.67
C TYR B 43 4.51 -17.74 -9.89
N ALA B 44 4.04 -17.39 -11.10
CA ALA B 44 2.60 -17.21 -11.27
C ALA B 44 1.81 -18.51 -11.06
N ASP B 45 2.45 -19.66 -11.18
CA ASP B 45 1.76 -20.92 -10.96
C ASP B 45 2.07 -21.55 -9.59
N LYS B 46 2.72 -20.81 -8.69
CA LYS B 46 3.02 -21.33 -7.35
C LYS B 46 2.67 -20.40 -6.20
N LEU B 47 2.60 -19.09 -6.41
CA LEU B 47 2.50 -18.14 -5.30
C LEU B 47 1.28 -17.24 -5.48
N GLU B 48 0.70 -16.82 -4.36
CA GLU B 48 -0.34 -15.79 -4.35
C GLU B 48 0.28 -14.47 -4.78
N PHE B 49 -0.55 -13.59 -5.34
CA PHE B 49 -0.01 -12.37 -5.97
C PHE B 49 0.79 -11.51 -5.01
N MET B 50 0.31 -11.34 -3.76
CA MET B 50 1.07 -10.51 -2.82
C MET B 50 2.46 -11.04 -2.57
N HIS B 51 2.60 -12.37 -2.50
CA HIS B 51 3.89 -12.96 -2.27
C HIS B 51 4.79 -12.84 -3.50
N ILE B 52 4.20 -12.88 -4.70
CA ILE B 52 4.97 -12.57 -5.91
C ILE B 52 5.47 -11.14 -5.83
N LEU B 53 4.58 -10.19 -5.50
CA LEU B 53 4.99 -8.78 -5.42
C LEU B 53 6.04 -8.56 -4.34
N THR B 54 5.96 -9.31 -3.24
CA THR B 54 6.99 -9.21 -2.20
C THR B 54 8.35 -9.68 -2.72
N ARG B 55 8.36 -10.70 -3.59
CA ARG B 55 9.62 -11.10 -4.23
C ARG B 55 10.10 -10.03 -5.20
N VAL B 56 9.19 -9.33 -5.87
CA VAL B 56 9.59 -8.19 -6.70
C VAL B 56 10.24 -7.10 -5.83
N ASN B 57 9.60 -6.79 -4.70
CA ASN B 57 10.18 -5.89 -3.72
C ASN B 57 11.62 -6.29 -3.38
N ARG B 58 11.85 -7.56 -3.05
CA ARG B 58 13.21 -7.99 -2.69
C ARG B 58 14.18 -7.87 -3.85
N LYS B 59 13.76 -8.28 -5.05
CA LYS B 59 14.66 -8.23 -6.20
C LYS B 59 15.10 -6.80 -6.48
N VAL B 60 14.15 -5.87 -6.53
CA VAL B 60 14.46 -4.47 -6.81
C VAL B 60 15.34 -3.89 -5.71
N ALA B 61 14.99 -4.18 -4.44
CA ALA B 61 15.73 -3.62 -3.30
C ALA B 61 17.17 -4.10 -3.26
N THR B 62 17.41 -5.37 -3.61
CA THR B 62 18.72 -5.95 -3.34
C THR B 62 19.62 -5.97 -4.57
N GLU B 63 19.05 -6.11 -5.77
CA GLU B 63 19.84 -6.43 -6.95
C GLU B 63 20.17 -5.24 -7.83
N PHE B 64 19.53 -4.10 -7.60
CA PHE B 64 19.64 -2.94 -8.50
C PHE B 64 20.21 -1.76 -7.72
N GLU B 65 21.16 -1.08 -8.33
CA GLU B 65 21.71 0.18 -7.84
C GLU B 65 22.01 1.06 -9.05
N SER B 66 21.68 2.34 -8.98
CA SER B 66 21.80 3.18 -10.19
C SER B 66 23.26 3.40 -10.59
N PHE B 67 23.48 3.49 -11.89
CA PHE B 67 24.78 3.87 -12.45
C PHE B 67 24.54 5.11 -13.30
N SER B 68 25.10 6.24 -12.87
CA SER B 68 24.90 7.50 -13.57
C SER B 68 26.22 8.25 -13.75
N PHE B 69 26.40 8.87 -14.91
CA PHE B 69 27.56 9.76 -15.10
C PHE B 69 27.42 11.04 -14.31
N ASP B 70 26.26 11.26 -13.71
CA ASP B 70 25.99 12.44 -12.89
C ASP B 70 25.95 11.94 -11.44
N ALA B 71 26.93 12.37 -10.64
CA ALA B 71 27.07 11.86 -9.28
C ALA B 71 25.78 12.00 -8.46
N THR B 72 24.94 12.99 -8.77
CA THR B 72 23.73 13.19 -7.97
C THR B 72 22.76 12.03 -8.12
N PHE B 73 22.77 11.35 -9.28
CA PHE B 73 21.86 10.25 -9.54
C PHE B 73 22.54 8.89 -9.48
N HIS B 74 23.78 8.82 -9.00
CA HIS B 74 24.55 7.59 -9.04
C HIS B 74 24.47 6.85 -7.72
N ALA B 75 24.50 5.52 -7.80
CA ALA B 75 24.50 4.64 -6.61
C ALA B 75 23.20 4.76 -5.81
N LYS B 76 22.08 4.97 -6.47
CA LYS B 76 20.82 5.12 -5.76
C LYS B 76 20.03 3.80 -5.77
N LYS B 77 19.06 3.71 -4.86
CA LYS B 77 18.34 2.47 -4.57
C LYS B 77 16.85 2.72 -4.66
N GLN B 78 16.08 1.63 -4.69
CA GLN B 78 14.65 1.73 -4.94
C GLN B 78 13.93 0.62 -4.20
N ILE B 79 12.80 0.94 -3.58
CA ILE B 79 11.91 -0.09 -3.04
C ILE B 79 10.53 0.12 -3.64
N PRO B 80 9.93 -0.88 -4.25
CA PRO B 80 8.54 -0.72 -4.73
C PRO B 80 7.58 -0.68 -3.55
N CYS B 81 6.32 -0.39 -3.86
CA CYS B 81 5.33 -0.07 -2.84
C CYS B 81 4.02 -0.73 -3.24
N ILE B 82 3.64 -1.80 -2.53
CA ILE B 82 2.39 -2.53 -2.80
C ILE B 82 1.30 -1.89 -1.97
N VAL B 83 0.24 -1.42 -2.63
CA VAL B 83 -0.90 -0.81 -1.93
C VAL B 83 -2.10 -1.67 -2.25
N SER B 84 -2.59 -2.42 -1.26
CA SER B 84 -3.66 -3.35 -1.50
C SER B 84 -4.92 -2.96 -0.75
N MET B 85 -6.00 -2.75 -1.51
CA MET B 85 -7.35 -2.78 -0.96
C MET B 85 -8.08 -4.04 -1.39
N LEU B 86 -7.35 -5.12 -1.64
CA LEU B 86 -7.99 -6.36 -2.04
C LEU B 86 -8.66 -7.00 -0.84
N THR B 87 -9.71 -7.76 -1.10
CA THR B 87 -10.41 -8.47 -0.04
C THR B 87 -10.20 -9.98 -0.10
N LYS B 88 -9.47 -10.50 -1.09
CA LYS B 88 -9.24 -11.93 -1.19
C LYS B 88 -7.86 -12.17 -1.78
N GLU B 89 -7.36 -13.39 -1.62
CA GLU B 89 -6.12 -13.77 -2.27
C GLU B 89 -6.34 -13.98 -3.78
N LEU B 90 -5.30 -13.71 -4.55
CA LEU B 90 -5.40 -13.70 -6.01
C LEU B 90 -4.38 -14.71 -6.53
N TYR B 91 -4.88 -15.79 -7.13
CA TYR B 91 -4.04 -16.81 -7.74
C TYR B 91 -4.29 -16.82 -9.25
N PHE B 92 -3.23 -16.68 -10.04
CA PHE B 92 -3.45 -16.61 -11.49
C PHE B 92 -3.81 -17.97 -12.09
N TYR B 93 -3.14 -19.03 -11.67
CA TYR B 93 -3.45 -20.37 -12.19
C TYR B 93 -4.82 -20.84 -11.68
N HIS B 94 -5.11 -22.13 -11.86
CA HIS B 94 -6.36 -22.73 -11.43
C HIS B 94 -6.09 -24.10 -10.81
N HIS B 95 -7.18 -24.79 -10.42
CA HIS B 95 -7.13 -26.13 -9.81
C HIS B 95 -6.23 -26.17 -8.57
N ASP C 1 16.68 -16.27 1.68
CA ASP C 1 15.50 -16.50 2.54
C ASP C 1 14.28 -15.75 2.02
N ASN C 2 13.14 -16.45 1.96
CA ASN C 2 11.87 -15.86 1.57
C ASN C 2 11.08 -15.33 2.77
N SER C 3 11.52 -15.64 3.99
CA SER C 3 10.81 -15.29 5.22
C SER C 3 11.75 -14.54 6.15
N TYR C 4 11.22 -13.49 6.78
CA TYR C 4 12.00 -12.77 7.77
C TYR C 4 12.37 -13.71 8.92
N LYS C 5 13.58 -13.53 9.44
CA LYS C 5 14.04 -14.30 10.59
C LYS C 5 13.30 -13.84 11.83
N MET C 6 12.51 -14.75 12.41
CA MET C 6 11.61 -14.46 13.52
C MET C 6 12.01 -15.22 14.78
N ASP C 7 13.20 -15.82 14.81
CA ASP C 7 13.68 -16.53 15.98
C ASP C 7 14.85 -15.82 16.65
N TYR C 8 14.82 -14.48 16.69
CA TYR C 8 15.68 -13.76 17.60
C TYR C 8 15.23 -14.10 19.02
N PRO C 9 16.00 -13.73 20.04
CA PRO C 9 15.54 -14.00 21.42
C PRO C 9 14.18 -13.37 21.74
N GLU C 10 13.91 -12.17 21.23
CA GLU C 10 12.68 -11.43 21.47
C GLU C 10 11.99 -11.12 20.15
N MET C 11 10.66 -11.23 20.12
CA MET C 11 9.87 -10.79 18.96
C MET C 11 10.08 -9.31 18.67
N GLY C 12 10.14 -8.47 19.71
CA GLY C 12 10.32 -7.05 19.55
C GLY C 12 9.34 -6.25 20.37
N LEU C 13 9.42 -4.94 20.21
CA LEU C 13 8.52 -4.01 20.88
C LEU C 13 7.23 -3.81 20.10
N CYS C 14 6.15 -3.57 20.84
CA CYS C 14 4.87 -3.14 20.27
C CYS C 14 4.44 -1.89 21.03
N ILE C 15 4.64 -0.74 20.41
CA ILE C 15 4.28 0.56 21.00
C ILE C 15 2.85 0.90 20.61
N ILE C 16 2.00 1.13 21.61
CA ILE C 16 0.60 1.51 21.37
C ILE C 16 0.40 2.92 21.90
N ILE C 17 0.19 3.87 21.01
CA ILE C 17 -0.10 5.25 21.39
C ILE C 17 -1.60 5.46 21.26
N ASN C 18 -2.27 5.62 22.39
CA ASN C 18 -3.73 5.68 22.45
C ASN C 18 -4.11 7.08 22.90
N ASN C 19 -4.61 7.89 21.97
CA ASN C 19 -5.01 9.27 22.25
C ASN C 19 -6.53 9.33 22.31
N LYS C 20 -7.07 9.47 23.51
CA LYS C 20 -8.51 9.53 23.74
C LYS C 20 -9.01 10.95 23.97
N ASN C 21 -8.31 11.72 24.78
CA ASN C 21 -8.73 13.07 25.19
C ASN C 21 -7.80 14.12 24.60
N PHE C 22 -8.37 15.06 23.88
CA PHE C 22 -7.61 16.08 23.17
C PHE C 22 -7.79 17.45 23.85
N HIS C 23 -6.83 18.33 23.60
CA HIS C 23 -6.83 19.65 24.21
C HIS C 23 -8.04 20.46 23.77
N LYS C 24 -8.61 21.21 24.72
CA LYS C 24 -9.74 22.09 24.42
C LYS C 24 -9.39 23.11 23.34
N SER C 25 -8.11 23.43 23.16
CA SER C 25 -7.71 24.33 22.09
C SER C 25 -7.90 23.71 20.71
N THR C 26 -7.83 22.38 20.61
CA THR C 26 -8.06 21.72 19.33
C THR C 26 -9.55 21.66 19.00
N GLY C 27 -10.41 21.50 20.01
CA GLY C 27 -11.82 21.32 19.79
C GLY C 27 -12.24 19.92 19.41
N MET C 28 -11.35 18.94 19.54
CA MET C 28 -11.61 17.59 19.05
C MET C 28 -12.43 16.78 20.04
N THR C 29 -13.45 16.11 19.52
CA THR C 29 -14.26 15.22 20.31
C THR C 29 -13.40 14.15 20.96
N SER C 30 -13.79 13.73 22.15
CA SER C 30 -13.15 12.58 22.78
C SER C 30 -13.43 11.31 21.97
N ARG C 31 -12.43 10.42 21.87
CA ARG C 31 -12.53 9.24 21.01
C ARG C 31 -13.02 8.04 21.83
N SER C 32 -14.33 8.00 22.09
CA SER C 32 -14.94 6.91 22.86
C SER C 32 -14.73 5.56 22.19
N GLY C 33 -14.40 4.55 22.99
CA GLY C 33 -14.14 3.22 22.49
C GLY C 33 -12.68 2.90 22.25
N THR C 34 -11.81 3.92 22.15
CA THR C 34 -10.41 3.66 21.86
C THR C 34 -9.74 2.84 22.95
N ASP C 35 -10.18 2.99 24.22
CA ASP C 35 -9.62 2.18 25.29
C ASP C 35 -9.83 0.69 25.02
N VAL C 36 -11.00 0.34 24.49
CA VAL C 36 -11.27 -1.04 24.09
C VAL C 36 -10.27 -1.50 23.04
N ASP C 37 -9.94 -0.62 22.09
CA ASP C 37 -8.93 -0.96 21.07
C ASP C 37 -7.58 -1.22 21.71
N ALA C 38 -7.13 -0.30 22.57
CA ALA C 38 -5.81 -0.43 23.17
C ALA C 38 -5.71 -1.73 23.96
N ALA C 39 -6.77 -2.10 24.70
CA ALA C 39 -6.71 -3.31 25.50
C ALA C 39 -6.72 -4.56 24.64
N ASN C 40 -7.50 -4.55 23.55
CA ASN C 40 -7.48 -5.64 22.58
C ASN C 40 -6.09 -5.81 21.97
N LEU C 41 -5.47 -4.71 21.57
CA LEU C 41 -4.14 -4.75 20.99
C LEU C 41 -3.12 -5.26 21.98
N ARG C 42 -3.19 -4.78 23.23
CA ARG C 42 -2.24 -5.23 24.24
C ARG C 42 -2.29 -6.74 24.38
N GLU C 43 -3.50 -7.30 24.42
CA GLU C 43 -3.68 -8.73 24.63
C GLU C 43 -3.30 -9.53 23.38
N THR C 44 -3.68 -9.03 22.21
CA THR C 44 -3.37 -9.72 20.97
C THR C 44 -1.86 -9.84 20.78
N PHE C 45 -1.14 -8.74 20.97
CA PHE C 45 0.29 -8.74 20.78
C PHE C 45 1.04 -9.39 21.93
N ARG C 46 0.41 -9.49 23.11
CA ARG C 46 1.01 -10.31 24.16
C ARG C 46 1.02 -11.77 23.74
N ASN C 47 -0.03 -12.24 23.07
CA ASN C 47 -0.08 -13.63 22.67
C ASN C 47 0.85 -13.92 21.50
N LEU C 48 1.36 -12.89 20.84
CA LEU C 48 2.39 -13.03 19.82
C LEU C 48 3.78 -12.82 20.38
N LYS C 49 3.89 -12.66 21.71
CA LYS C 49 5.16 -12.58 22.44
C LYS C 49 5.87 -11.26 22.20
N TYR C 50 5.13 -10.20 21.90
CA TYR C 50 5.72 -8.87 21.86
C TYR C 50 5.73 -8.27 23.26
N GLU C 51 6.74 -7.44 23.52
CA GLU C 51 6.80 -6.57 24.68
C GLU C 51 5.93 -5.36 24.38
N VAL C 52 4.73 -5.30 24.98
CA VAL C 52 3.77 -4.24 24.69
C VAL C 52 3.96 -3.07 25.65
N ARG C 53 4.05 -1.85 25.09
CA ARG C 53 4.16 -0.62 25.87
C ARG C 53 2.98 0.27 25.50
N ASN C 54 1.98 0.35 26.39
CA ASN C 54 0.83 1.22 26.17
C ASN C 54 1.13 2.64 26.64
N LYS C 55 0.85 3.62 25.77
CA LYS C 55 1.03 5.02 26.09
C LYS C 55 -0.30 5.75 25.84
N ASN C 56 -0.71 6.61 26.76
CA ASN C 56 -2.02 7.25 26.70
C ASN C 56 -1.91 8.77 26.63
N ASP C 57 -2.74 9.37 25.78
CA ASP C 57 -2.84 10.82 25.55
C ASP C 57 -1.48 11.52 25.53
N LEU C 58 -0.74 11.40 24.44
CA LEU C 58 0.53 12.09 24.30
C LEU C 58 0.35 13.31 23.42
N THR C 59 1.07 14.39 23.75
CA THR C 59 1.09 15.54 22.87
C THR C 59 1.89 15.21 21.62
N ARG C 60 1.82 16.12 20.65
CA ARG C 60 2.61 15.97 19.43
C ARG C 60 4.10 15.89 19.76
N GLU C 61 4.57 16.65 20.75
CA GLU C 61 5.97 16.60 21.12
C GLU C 61 6.32 15.35 21.90
N GLU C 62 5.39 14.83 22.71
CA GLU C 62 5.67 13.57 23.40
C GLU C 62 5.73 12.39 22.44
N ILE C 63 4.92 12.41 21.36
CA ILE C 63 4.99 11.32 20.39
C ILE C 63 6.37 11.29 19.72
N VAL C 64 6.82 12.45 19.21
CA VAL C 64 8.13 12.52 18.56
C VAL C 64 9.23 12.08 19.51
N GLU C 65 9.24 12.61 20.74
CA GLU C 65 10.26 12.23 21.72
C GLU C 65 10.21 10.74 22.02
N LEU C 66 9.01 10.19 22.22
CA LEU C 66 8.87 8.77 22.45
C LEU C 66 9.44 7.97 21.29
N MET C 67 9.09 8.36 20.07
CA MET C 67 9.56 7.63 18.89
C MET C 67 11.07 7.77 18.72
N ARG C 68 11.61 8.98 18.92
CA ARG C 68 13.05 9.16 18.89
C ARG C 68 13.74 8.25 19.89
N ASP C 69 13.25 8.21 21.12
CA ASP C 69 13.88 7.40 22.16
C ASP C 69 13.84 5.92 21.80
N VAL C 70 12.69 5.43 21.36
CA VAL C 70 12.58 4.01 21.02
C VAL C 70 13.50 3.66 19.86
N SER C 71 13.63 4.55 18.87
CA SER C 71 14.48 4.24 17.73
C SER C 71 15.95 4.21 18.10
N LYS C 72 16.34 4.81 19.22
CA LYS C 72 17.72 4.79 19.67
C LYS C 72 17.99 3.65 20.66
N GLU C 73 16.99 2.83 20.95
CA GLU C 73 17.21 1.62 21.72
C GLU C 73 17.98 0.60 20.89
N ASP C 74 18.51 -0.41 21.57
CA ASP C 74 19.26 -1.49 20.92
C ASP C 74 18.30 -2.64 20.61
N HIS C 75 17.92 -2.78 19.34
CA HIS C 75 16.99 -3.82 18.93
C HIS C 75 17.69 -5.06 18.39
N SER C 76 19.00 -5.21 18.64
CA SER C 76 19.78 -6.28 18.04
C SER C 76 19.19 -7.65 18.33
N LYS C 77 18.62 -7.84 19.50
CA LYS C 77 18.09 -9.14 19.89
C LYS C 77 16.60 -9.28 19.57
N ARG C 78 16.02 -8.35 18.82
CA ARG C 78 14.59 -8.34 18.55
C ARG C 78 14.31 -8.64 17.08
N SER C 79 13.25 -9.42 16.82
CA SER C 79 12.96 -9.86 15.45
C SER C 79 12.30 -8.79 14.61
N SER C 80 11.54 -7.88 15.23
CA SER C 80 10.74 -6.92 14.47
C SER C 80 10.44 -5.73 15.34
N PHE C 81 9.66 -4.79 14.80
CA PHE C 81 9.16 -3.64 15.55
C PHE C 81 7.73 -3.31 15.13
N VAL C 82 6.85 -3.10 16.10
CA VAL C 82 5.45 -2.76 15.85
C VAL C 82 5.12 -1.45 16.57
N CYS C 83 4.46 -0.53 15.86
CA CYS C 83 3.91 0.69 16.43
C CYS C 83 2.45 0.82 15.99
N VAL C 84 1.56 1.11 16.94
CA VAL C 84 0.12 1.25 16.69
C VAL C 84 -0.30 2.66 17.11
N LEU C 85 -0.89 3.40 16.19
CA LEU C 85 -1.34 4.77 16.45
C LEU C 85 -2.87 4.80 16.41
N LEU C 86 -3.49 5.17 17.55
CA LEU C 86 -4.94 5.29 17.65
C LEU C 86 -5.27 6.74 17.96
N SER C 87 -5.77 7.48 16.97
CA SER C 87 -6.00 8.91 17.18
C SER C 87 -6.86 9.45 16.04
N HIS C 88 -7.09 10.76 16.07
CA HIS C 88 -7.66 11.40 14.89
C HIS C 88 -6.52 11.70 13.91
N GLY C 89 -6.87 11.92 12.64
CA GLY C 89 -5.83 12.21 11.68
C GLY C 89 -6.39 12.79 10.40
N GLU C 90 -5.47 13.19 9.53
CA GLU C 90 -5.76 13.50 8.13
C GLU C 90 -4.74 12.78 7.27
N GLU C 91 -4.82 12.97 5.95
CA GLU C 91 -3.91 12.28 5.05
C GLU C 91 -2.47 12.57 5.42
N GLY C 92 -1.74 11.54 5.84
CA GLY C 92 -0.35 11.70 6.20
C GLY C 92 -0.09 12.29 7.56
N ILE C 93 -1.13 12.49 8.37
CA ILE C 93 -1.03 13.21 9.64
C ILE C 93 -1.69 12.41 10.75
N ILE C 94 -1.01 12.30 11.89
CA ILE C 94 -1.56 11.80 13.15
C ILE C 94 -1.61 12.96 14.15
N PHE C 95 -2.60 12.95 15.03
CA PHE C 95 -2.79 14.05 15.98
C PHE C 95 -2.31 13.64 17.36
N GLY C 96 -1.34 14.38 17.89
CA GLY C 96 -1.16 14.42 19.33
C GLY C 96 -2.37 15.05 19.97
N THR C 97 -2.39 15.02 21.31
CA THR C 97 -3.48 15.66 22.03
C THR C 97 -3.59 17.15 21.76
N ASN C 98 -2.55 17.77 21.20
CA ASN C 98 -2.49 19.23 21.05
C ASN C 98 -2.24 19.68 19.62
N GLY C 99 -2.33 18.80 18.63
CA GLY C 99 -2.12 19.20 17.26
C GLY C 99 -1.50 18.12 16.40
N PRO C 100 -1.30 18.43 15.12
CA PRO C 100 -0.86 17.41 14.15
C PRO C 100 0.63 17.09 14.23
N VAL C 101 0.95 15.87 13.77
CA VAL C 101 2.32 15.39 13.56
C VAL C 101 2.36 14.68 12.21
N ASP C 102 3.38 14.97 11.41
CA ASP C 102 3.58 14.23 10.17
C ASP C 102 3.91 12.78 10.45
N LEU C 103 3.15 11.86 9.86
CA LEU C 103 3.50 10.44 9.98
C LEU C 103 4.92 10.18 9.51
N LYS C 104 5.33 10.81 8.42
CA LYS C 104 6.69 10.67 7.90
C LYS C 104 7.71 11.02 8.96
N LYS C 105 7.42 12.02 9.79
CA LYS C 105 8.35 12.39 10.86
C LYS C 105 8.50 11.26 11.87
N ILE C 106 7.43 10.52 12.15
CA ILE C 106 7.50 9.42 13.10
C ILE C 106 8.30 8.27 12.50
N THR C 107 7.93 7.84 11.29
CA THR C 107 8.54 6.65 10.72
C THR C 107 9.99 6.87 10.31
N ASN C 108 10.40 8.13 10.10
CA ASN C 108 11.76 8.40 9.65
C ASN C 108 12.81 7.98 10.67
N PHE C 109 12.48 8.02 11.97
CA PHE C 109 13.43 7.58 12.98
C PHE C 109 13.82 6.12 12.82
N PHE C 110 13.04 5.34 12.07
CA PHE C 110 13.28 3.91 11.95
C PHE C 110 13.81 3.54 10.57
N ARG C 111 14.09 4.53 9.72
CA ARG C 111 14.68 4.25 8.41
C ARG C 111 15.91 3.36 8.55
N GLY C 112 16.24 2.63 7.49
CA GLY C 112 17.31 1.65 7.61
C GLY C 112 18.67 2.27 7.88
N ASP C 113 18.84 3.56 7.61
CA ASP C 113 20.12 4.21 7.91
C ASP C 113 20.12 4.89 9.27
N ARG C 114 18.94 5.14 9.85
CA ARG C 114 18.81 5.83 11.13
C ARG C 114 18.63 4.90 12.33
N CYS C 115 18.12 3.68 12.14
CA CYS C 115 17.96 2.71 13.23
C CYS C 115 18.64 1.41 12.79
N ARG C 116 19.96 1.35 13.00
CA ARG C 116 20.76 0.28 12.42
C ARG C 116 20.42 -1.09 13.01
N SER C 117 19.97 -1.15 14.26
CA SER C 117 19.66 -2.45 14.84
C SER C 117 18.31 -2.98 14.36
N LEU C 118 17.63 -2.26 13.47
CA LEU C 118 16.42 -2.75 12.83
C LEU C 118 16.61 -2.88 11.32
N THR C 119 17.81 -2.63 10.81
CA THR C 119 18.07 -2.80 9.39
C THR C 119 17.79 -4.23 8.98
N GLY C 120 17.05 -4.41 7.88
CA GLY C 120 16.69 -5.74 7.42
C GLY C 120 15.57 -6.41 8.20
N LYS C 121 14.98 -5.74 9.20
CA LYS C 121 13.93 -6.31 10.02
C LYS C 121 12.58 -5.64 9.76
N PRO C 122 11.47 -6.38 9.88
CA PRO C 122 10.13 -5.82 9.63
C PRO C 122 9.76 -4.73 10.63
N LYS C 123 9.40 -3.56 10.11
CA LYS C 123 8.91 -2.43 10.90
C LYS C 123 7.45 -2.18 10.51
N LEU C 124 6.52 -2.46 11.43
CA LEU C 124 5.09 -2.45 11.12
C LEU C 124 4.42 -1.28 11.84
N PHE C 125 3.72 -0.44 11.08
CA PHE C 125 2.98 0.69 11.62
C PHE C 125 1.51 0.49 11.31
N ILE C 126 0.71 0.38 12.35
CA ILE C 126 -0.73 0.17 12.29
C ILE C 126 -1.40 1.49 12.70
N ILE C 127 -2.17 2.08 11.79
CA ILE C 127 -2.64 3.47 11.94
C ILE C 127 -4.17 3.47 11.89
N GLN C 128 -4.80 3.65 13.04
CA GLN C 128 -6.25 3.88 13.13
C GLN C 128 -6.45 5.40 13.25
N ALA C 129 -6.87 6.03 12.15
CA ALA C 129 -7.05 7.47 12.08
C ALA C 129 -7.66 7.82 10.73
N CYS C 130 -8.50 8.85 10.67
CA CYS C 130 -9.00 9.26 9.37
C CYS C 130 -7.85 9.74 8.49
N ARG C 131 -8.11 9.71 7.18
CA ARG C 131 -7.14 10.14 6.19
C ARG C 131 -7.76 11.18 5.26
N GLY C 132 -8.75 11.90 5.75
CA GLY C 132 -9.54 12.80 4.93
C GLY C 132 -10.98 12.78 5.39
N THR C 133 -11.84 13.39 4.59
CA THR C 133 -13.27 13.47 4.91
C THR C 133 -14.13 12.87 3.81
N GLU C 134 -13.55 12.04 2.96
CA GLU C 134 -14.37 11.40 1.93
C GLU C 134 -15.22 10.31 2.56
N LEU C 135 -16.34 10.02 1.91
CA LEU C 135 -17.35 9.09 2.39
C LEU C 135 -17.55 7.99 1.37
N ASP C 136 -17.50 6.75 1.82
CA ASP C 136 -17.75 5.60 0.96
C ASP C 136 -19.17 5.11 1.20
N CYS C 137 -20.06 5.39 0.24
CA CYS C 137 -21.46 4.94 0.32
C CYS C 137 -21.64 3.49 -0.12
N GLY C 138 -20.62 2.87 -0.67
CA GLY C 138 -20.69 1.45 -0.99
C GLY C 138 -21.55 1.18 -2.22
N ILE C 139 -21.59 -0.11 -2.57
CA ILE C 139 -22.42 -0.59 -3.68
C ILE C 139 -22.99 -1.93 -3.26
N GLU C 140 -24.31 -2.10 -3.41
CA GLU C 140 -24.93 -3.38 -3.16
C GLU C 140 -24.45 -4.37 -4.22
N THR C 141 -24.22 -5.61 -3.82
CA THR C 141 -23.64 -6.62 -4.72
C THR C 141 -24.67 -7.63 -5.24
N LYS D 3 23.70 -3.61 -0.07
CA LYS D 3 23.03 -2.34 0.21
C LYS D 3 21.52 -2.48 -0.07
N ILE D 4 20.69 -1.95 0.83
CA ILE D 4 19.24 -1.97 0.65
C ILE D 4 18.73 -0.54 0.73
N PRO D 5 17.53 -0.28 0.19
CA PRO D 5 16.93 1.05 0.35
C PRO D 5 16.66 1.35 1.82
N VAL D 6 16.77 2.62 2.19
CA VAL D 6 16.46 3.00 3.56
C VAL D 6 14.96 2.90 3.85
N GLU D 7 14.10 2.93 2.82
CA GLU D 7 12.66 2.78 3.04
C GLU D 7 12.19 1.33 2.95
N ALA D 8 13.10 0.38 2.70
CA ALA D 8 12.76 -1.04 2.67
C ALA D 8 12.31 -1.56 4.04
N ASP D 9 11.47 -2.59 4.01
CA ASP D 9 11.11 -3.39 5.18
C ASP D 9 10.18 -2.63 6.14
N PHE D 10 9.38 -1.71 5.59
CA PHE D 10 8.27 -1.08 6.30
C PHE D 10 6.96 -1.66 5.80
N LEU D 11 5.99 -1.76 6.71
CA LEU D 11 4.62 -2.13 6.39
C LEU D 11 3.72 -1.11 7.11
N TYR D 12 2.88 -0.41 6.35
CA TYR D 12 1.92 0.52 6.93
C TYR D 12 0.52 -0.06 6.75
N ALA D 13 -0.08 -0.51 7.84
CA ALA D 13 -1.44 -1.06 7.81
C ALA D 13 -2.38 0.07 8.22
N TYR D 14 -2.94 0.76 7.23
CA TYR D 14 -3.89 1.83 7.47
C TYR D 14 -5.30 1.27 7.61
N SER D 15 -6.10 1.90 8.47
CA SER D 15 -7.48 1.48 8.70
C SER D 15 -8.40 1.81 7.53
N THR D 16 -8.01 2.71 6.64
CA THR D 16 -8.93 3.22 5.65
C THR D 16 -8.17 3.70 4.41
N ALA D 17 -8.90 3.83 3.31
CA ALA D 17 -8.29 4.21 2.04
C ALA D 17 -7.82 5.67 2.07
N PRO D 18 -6.84 6.04 1.24
CA PRO D 18 -6.39 7.43 1.20
C PRO D 18 -7.55 8.39 0.95
N GLY D 19 -7.62 9.45 1.76
CA GLY D 19 -8.62 10.49 1.60
C GLY D 19 -9.89 10.28 2.42
N TYR D 20 -10.09 9.11 3.01
CA TYR D 20 -11.39 8.73 3.55
C TYR D 20 -11.44 8.80 5.07
N TYR D 21 -12.68 8.87 5.57
CA TYR D 21 -12.93 8.74 6.99
C TYR D 21 -12.57 7.34 7.48
N SER D 22 -12.35 7.21 8.79
CA SER D 22 -12.21 5.92 9.41
C SER D 22 -13.22 5.82 10.56
N TRP D 23 -13.93 4.71 10.63
CA TRP D 23 -15.08 4.59 11.52
C TRP D 23 -14.73 3.80 12.77
N ARG D 24 -15.40 4.17 13.86
CA ARG D 24 -15.16 3.62 15.19
C ARG D 24 -16.50 3.45 15.88
N ASN D 25 -16.70 2.33 16.54
CA ASN D 25 -17.89 2.10 17.33
C ASN D 25 -17.64 2.63 18.74
N SER D 26 -18.56 3.47 19.24
CA SER D 26 -18.33 4.19 20.48
C SER D 26 -18.14 3.27 21.69
N LYS D 27 -18.53 1.99 21.60
CA LYS D 27 -18.30 1.08 22.72
C LYS D 27 -17.52 -0.18 22.38
N ASP D 28 -17.48 -0.62 21.14
CA ASP D 28 -16.72 -1.82 20.79
C ASP D 28 -15.38 -1.53 20.12
N GLY D 29 -15.08 -0.27 19.83
CA GLY D 29 -13.81 0.09 19.24
C GLY D 29 -13.89 0.27 17.74
N SER D 30 -12.78 0.72 17.18
CA SER D 30 -12.71 0.93 15.74
C SER D 30 -12.92 -0.39 15.00
N TRP D 31 -13.59 -0.30 13.85
CA TRP D 31 -13.81 -1.47 13.01
C TRP D 31 -12.51 -2.18 12.68
N PHE D 32 -11.48 -1.39 12.37
CA PHE D 32 -10.21 -1.94 11.90
C PHE D 32 -9.46 -2.69 13.00
N ILE D 33 -9.31 -2.08 14.18
CA ILE D 33 -8.56 -2.72 15.25
C ILE D 33 -9.30 -3.97 15.75
N GLN D 34 -10.63 -3.86 15.86
CA GLN D 34 -11.48 -5.03 16.15
C GLN D 34 -11.18 -6.20 15.22
N SER D 35 -11.22 -5.93 13.91
CA SER D 35 -11.01 -6.98 12.92
C SER D 35 -9.56 -7.47 12.92
N LEU D 36 -8.61 -6.55 13.03
CA LEU D 36 -7.20 -6.96 13.07
C LEU D 36 -6.93 -7.91 14.22
N CYS D 37 -7.40 -7.56 15.43
CA CYS D 37 -7.18 -8.44 16.58
C CYS D 37 -7.89 -9.77 16.39
N ALA D 38 -9.09 -9.75 15.82
CA ALA D 38 -9.82 -11.00 15.56
C ALA D 38 -9.07 -11.88 14.57
N MET D 39 -8.58 -11.31 13.46
CA MET D 39 -7.91 -12.16 12.50
C MET D 39 -6.52 -12.61 12.97
N LEU D 40 -5.82 -11.80 13.76
CA LEU D 40 -4.56 -12.26 14.33
C LEU D 40 -4.79 -13.41 15.31
N LYS D 41 -5.81 -13.28 16.16
CA LYS D 41 -6.12 -14.37 17.09
C LYS D 41 -6.44 -15.66 16.35
N GLN D 42 -7.15 -15.55 15.22
CA GLN D 42 -7.61 -16.73 14.50
C GLN D 42 -6.55 -17.31 13.57
N TYR D 43 -5.66 -16.48 13.00
CA TYR D 43 -4.78 -16.95 11.92
C TYR D 43 -3.29 -16.69 12.09
N ALA D 44 -2.83 -16.10 13.19
CA ALA D 44 -1.38 -15.82 13.29
C ALA D 44 -0.55 -17.09 13.36
N ASP D 45 -1.17 -18.23 13.68
CA ASP D 45 -0.50 -19.53 13.65
C ASP D 45 -0.78 -20.32 12.37
N LYS D 46 -1.41 -19.70 11.37
CA LYS D 46 -1.62 -20.41 10.10
C LYS D 46 -1.17 -19.63 8.86
N LEU D 47 -1.24 -18.29 8.88
CA LEU D 47 -1.10 -17.53 7.65
C LEU D 47 0.03 -16.51 7.73
N GLU D 48 0.58 -16.19 6.55
CA GLU D 48 1.51 -15.09 6.41
C GLU D 48 0.78 -13.78 6.68
N PHE D 49 1.51 -12.77 7.17
CA PHE D 49 0.89 -11.53 7.65
C PHE D 49 0.07 -10.83 6.56
N MET D 50 0.59 -10.75 5.33
CA MET D 50 -0.15 -10.04 4.29
C MET D 50 -1.51 -10.70 4.04
N HIS D 51 -1.56 -12.03 4.11
CA HIS D 51 -2.82 -12.75 3.96
C HIS D 51 -3.75 -12.55 5.15
N ILE D 52 -3.17 -12.40 6.35
CA ILE D 52 -3.97 -12.03 7.53
C ILE D 52 -4.59 -10.66 7.33
N LEU D 53 -3.79 -9.70 6.82
CA LEU D 53 -4.33 -8.36 6.59
C LEU D 53 -5.39 -8.35 5.49
N THR D 54 -5.28 -9.26 4.52
CA THR D 54 -6.29 -9.39 3.47
C THR D 54 -7.62 -9.88 4.05
N ARG D 55 -7.57 -10.80 5.01
CA ARG D 55 -8.79 -11.19 5.72
C ARG D 55 -9.36 -10.02 6.50
N VAL D 56 -8.49 -9.20 7.12
CA VAL D 56 -8.94 -7.98 7.79
C VAL D 56 -9.65 -7.06 6.80
N ASN D 57 -9.01 -6.79 5.65
CA ASN D 57 -9.69 -6.04 4.58
C ASN D 57 -11.09 -6.59 4.32
N ARG D 58 -11.22 -7.90 4.16
CA ARG D 58 -12.53 -8.47 3.85
C ARG D 58 -13.52 -8.29 5.01
N LYS D 59 -13.06 -8.52 6.24
CA LYS D 59 -13.98 -8.40 7.39
C LYS D 59 -14.51 -6.98 7.54
N VAL D 60 -13.63 -5.98 7.43
CA VAL D 60 -14.08 -4.59 7.51
C VAL D 60 -14.99 -4.26 6.34
N ALA D 61 -14.63 -4.70 5.15
CA ALA D 61 -15.38 -4.34 3.94
C ALA D 61 -16.78 -4.93 3.93
N THR D 62 -16.93 -6.13 4.48
CA THR D 62 -18.18 -6.86 4.30
C THR D 62 -19.08 -6.86 5.53
N GLU D 63 -18.53 -6.89 6.74
CA GLU D 63 -19.34 -7.04 7.95
C GLU D 63 -19.72 -5.74 8.64
N PHE D 64 -19.13 -4.61 8.27
CA PHE D 64 -19.33 -3.35 8.98
C PHE D 64 -20.01 -2.34 8.08
N GLU D 65 -20.96 -1.59 8.65
CA GLU D 65 -21.63 -0.48 7.98
C GLU D 65 -22.07 0.50 9.06
N SER D 66 -21.91 1.80 8.80
CA SER D 66 -22.10 2.76 9.88
C SER D 66 -23.58 2.89 10.25
N PHE D 67 -23.84 3.08 11.53
CA PHE D 67 -25.18 3.37 12.05
C PHE D 67 -25.09 4.72 12.75
N SER D 68 -25.72 5.74 12.18
CA SER D 68 -25.61 7.09 12.71
C SER D 68 -26.97 7.79 12.68
N PHE D 69 -27.29 8.52 13.75
CA PHE D 69 -28.50 9.33 13.76
C PHE D 69 -28.41 10.51 12.82
N ASP D 70 -27.20 10.82 12.34
CA ASP D 70 -26.96 11.89 11.38
C ASP D 70 -26.86 11.22 10.01
N ALA D 71 -27.83 11.52 9.13
CA ALA D 71 -27.89 10.83 7.83
C ALA D 71 -26.58 10.95 7.05
N THR D 72 -25.84 12.06 7.22
CA THR D 72 -24.59 12.21 6.48
C THR D 72 -23.62 11.08 6.76
N PHE D 73 -23.63 10.54 7.99
CA PHE D 73 -22.64 9.55 8.40
C PHE D 73 -23.22 8.14 8.50
N HIS D 74 -24.47 7.95 8.07
CA HIS D 74 -25.15 6.68 8.22
C HIS D 74 -24.99 5.82 6.97
N ALA D 75 -24.96 4.50 7.17
CA ALA D 75 -24.86 3.52 6.10
C ALA D 75 -23.57 3.67 5.29
N LYS D 76 -22.49 4.05 5.95
CA LYS D 76 -21.20 4.23 5.27
C LYS D 76 -20.33 2.98 5.39
N LYS D 77 -19.32 2.89 4.50
CA LYS D 77 -18.48 1.70 4.37
C LYS D 77 -17.01 2.08 4.45
N GLN D 78 -16.16 1.06 4.54
CA GLN D 78 -14.74 1.28 4.79
C GLN D 78 -13.95 0.11 4.23
N ILE D 79 -12.81 0.40 3.59
CA ILE D 79 -11.85 -0.62 3.17
C ILE D 79 -10.49 -0.21 3.73
N PRO D 80 -9.80 -1.07 4.48
CA PRO D 80 -8.46 -0.71 4.96
C PRO D 80 -7.46 -0.66 3.81
N CYS D 81 -6.22 -0.29 4.08
CA CYS D 81 -5.28 -0.03 3.00
C CYS D 81 -3.90 -0.55 3.46
N ILE D 82 -3.48 -1.67 2.89
CA ILE D 82 -2.21 -2.30 3.21
C ILE D 82 -1.14 -1.67 2.33
N VAL D 83 -0.10 -1.09 2.93
CA VAL D 83 0.99 -0.51 2.14
C VAL D 83 2.27 -1.22 2.54
N SER D 84 2.79 -2.08 1.66
CA SER D 84 3.90 -2.94 2.01
C SER D 84 5.14 -2.56 1.23
N MET D 85 6.19 -2.17 1.96
CA MET D 85 7.53 -2.12 1.43
C MET D 85 8.37 -3.27 1.98
N LEU D 86 7.73 -4.36 2.38
CA LEU D 86 8.47 -5.51 2.90
C LEU D 86 9.17 -6.24 1.77
N THR D 87 10.27 -6.91 2.10
CA THR D 87 11.00 -7.69 1.10
C THR D 87 10.92 -9.19 1.35
N LYS D 88 10.22 -9.63 2.39
CA LYS D 88 10.11 -11.05 2.72
C LYS D 88 8.75 -11.30 3.34
N GLU D 89 8.38 -12.58 3.39
CA GLU D 89 7.14 -12.98 4.04
C GLU D 89 7.31 -12.93 5.56
N LEU D 90 6.22 -12.65 6.27
CA LEU D 90 6.29 -12.47 7.72
C LEU D 90 5.35 -13.47 8.39
N TYR D 91 5.95 -14.44 9.09
CA TYR D 91 5.21 -15.47 9.81
C TYR D 91 5.43 -15.29 11.31
N PHE D 92 4.35 -15.29 12.08
CA PHE D 92 4.45 -15.13 13.52
C PHE D 92 4.73 -16.43 14.24
N TYR D 93 4.60 -17.57 13.56
CA TYR D 93 4.93 -18.88 14.13
C TYR D 93 6.31 -19.30 13.65
N ILE E 2 -24.36 4.80 16.88
CA ILE E 2 -23.17 4.81 17.72
C ILE E 2 -21.87 4.60 16.92
N THR E 3 -21.94 4.61 15.57
CA THR E 3 -20.73 4.70 14.76
C THR E 3 -20.31 6.16 14.68
N VAL E 4 -19.03 6.44 14.92
CA VAL E 4 -18.52 7.82 14.80
C VAL E 4 -17.24 7.85 13.94
N DAB E 5 -16.85 9.04 13.47
CA DAB E 5 -15.64 9.23 12.65
C DAB E 5 -14.29 9.50 13.38
O DAB E 5 -14.31 10.20 14.44
CB DAB E 5 -15.71 10.42 11.68
CG DAB E 5 -16.99 10.54 10.86
ND DAB E 5 -18.08 11.26 11.50
N ASA E 6 -13.18 9.02 12.80
CA ASA E 6 -11.83 9.27 13.27
C ASA E 6 -10.99 10.07 12.26
O ASA E 6 -10.03 10.75 12.63
CB ASA E 6 -11.11 7.95 13.58
CG ASA E 6 -11.06 7.64 15.05
OD1 ASA E 6 -11.29 8.57 15.88
OD2 ASA E 6 -10.80 6.46 15.38
N ILE F 2 23.65 5.16 -17.62
CA ILE F 2 22.70 4.25 -18.25
C ILE F 2 21.41 4.09 -17.45
N THR F 3 21.46 4.28 -16.11
CA THR F 3 20.25 4.42 -15.32
C THR F 3 19.75 5.85 -15.41
N VAL F 4 18.46 6.01 -15.68
CA VAL F 4 17.83 7.34 -15.69
C VAL F 4 16.57 7.31 -14.82
N DAB F 5 16.03 8.47 -14.51
CA DAB F 5 14.90 8.50 -13.59
C DAB F 5 13.57 8.80 -14.33
O DAB F 5 13.57 9.40 -15.44
CB DAB F 5 15.09 9.50 -12.44
CG DAB F 5 15.86 10.76 -12.80
ND DAB F 5 15.07 11.89 -13.24
N ASA F 6 12.48 8.35 -13.71
CA ASA F 6 11.13 8.36 -14.28
C ASA F 6 10.24 9.24 -13.42
O ASA F 6 9.26 9.83 -13.88
CB ASA F 6 10.61 6.91 -14.29
CG ASA F 6 10.51 6.33 -15.67
OD1 ASA F 6 10.82 7.05 -16.64
OD2 ASA F 6 10.09 5.16 -15.78
#